data_5D1U
#
_entry.id   5D1U
#
_cell.length_a   57.928
_cell.length_b   77.293
_cell.length_c   138.488
_cell.angle_alpha   90.000
_cell.angle_beta   90.000
_cell.angle_gamma   90.000
#
_symmetry.space_group_name_H-M   'P 21 21 21'
#
loop_
_entity.id
_entity.type
_entity.pdbx_description
1 polymer 'Lethal factor'
2 non-polymer N~2~-(6-aminohexyl)-N~2~-[(4-fluoro-3-methylphenyl)sulfonyl]-N-hydroxy-D-alaninamide
3 non-polymer 'ZINC ION'
4 water water
#
_entity_poly.entity_id   1
_entity_poly.type   'polypeptide(L)'
_entity_poly.pdbx_seq_one_letter_code
;SNALSRYEKWEKIKQHYQHWSDSLSEEGRGLLKKLQIPIEPKKDDIIHSLSQEEKELLKRIQIDSSDFLSTEEKEFLKKL
QIDIRDSLSEEEKELLNRIQVDSSNPLSEKEKEFLKKLKLDIQPYDINQRLQDTGGLIDSPSINLDVRKQYKRDIQNIDA
LLHQSIGSTLYNKIYLYENMNINNLTATLGADLVDSTDNTKINRGIFNEFKKNFKYSISSNYMIVDINERPALDNERLKW
RIQLSPDTRAGYLENGKLILQRNIGLEIKDVQIIKQSEKEYIRIDAKVVPKSKIDTKIQEAQLNINQEWNKALGLPKYTK
LITFNVHNRYASNIVESAYLILNEWKNNIQSDLIKKVTNYLVDGNGRFVFTDITLPNIAEQYTHQDEIYEQVHSKGLYVP
ESRSILLHGPSKGVELRNDSEGFIHEFGHAVDDYAGYLLDKNQSDLVTNSKKFIDIFKEEGSNLTSYGRTNEAEFFAEAF
RLMHSTDHAERLKVQKNAPKTFQFINDQIKFIINSLVPR
;
_entity_poly.pdbx_strand_id   A
#
# COMPACT_ATOMS: atom_id res chain seq x y z
N ARG A 6 -3.05 -0.74 -37.58
CA ARG A 6 -3.17 -1.64 -36.43
C ARG A 6 -2.13 -2.73 -36.47
N TYR A 7 -1.96 -3.33 -37.66
CA TYR A 7 -1.08 -4.47 -37.81
C TYR A 7 0.23 -4.07 -38.41
N GLU A 8 0.27 -2.89 -39.01
CA GLU A 8 1.52 -2.37 -39.57
C GLU A 8 2.52 -2.16 -38.43
N LYS A 9 2.10 -1.39 -37.43
CA LYS A 9 3.02 -1.00 -36.39
C LYS A 9 3.34 -2.20 -35.51
N TRP A 10 2.40 -3.13 -35.42
CA TRP A 10 2.67 -4.40 -34.74
C TRP A 10 3.76 -5.15 -35.51
N GLU A 11 3.62 -5.26 -36.83
CA GLU A 11 4.63 -5.95 -37.62
C GLU A 11 5.99 -5.25 -37.53
N LYS A 12 5.98 -3.91 -37.49
CA LYS A 12 7.21 -3.13 -37.45
C LYS A 12 7.95 -3.32 -36.14
N ILE A 13 7.19 -3.52 -35.07
CA ILE A 13 7.84 -3.76 -33.80
C ILE A 13 8.38 -5.19 -33.77
N LYS A 14 7.55 -6.14 -34.21
CA LYS A 14 7.91 -7.56 -34.15
C LYS A 14 9.21 -7.82 -34.89
N GLN A 15 9.32 -7.25 -36.08
CA GLN A 15 10.57 -7.30 -36.86
C GLN A 15 11.78 -6.79 -36.07
N HIS A 16 11.67 -5.56 -35.55
CA HIS A 16 12.71 -4.90 -34.79
C HIS A 16 13.24 -5.82 -33.70
N TYR A 17 12.35 -6.67 -33.20
CA TYR A 17 12.67 -7.55 -32.09
C TYR A 17 12.78 -8.98 -32.53
N GLN A 18 12.74 -9.21 -33.84
CA GLN A 18 12.76 -10.58 -34.36
C GLN A 18 14.05 -11.31 -34.01
N HIS A 19 15.20 -10.66 -34.22
CA HIS A 19 16.47 -11.31 -33.89
C HIS A 19 16.48 -11.63 -32.42
N TRP A 20 15.94 -10.71 -31.63
CA TRP A 20 15.94 -10.88 -30.20
C TRP A 20 15.09 -12.10 -29.82
N SER A 21 13.83 -12.14 -30.28
CA SER A 21 12.93 -13.28 -30.06
C SER A 21 13.53 -14.64 -30.41
N ASP A 22 14.00 -14.77 -31.65
CA ASP A 22 14.58 -16.01 -32.15
C ASP A 22 15.74 -16.50 -31.28
N SER A 23 16.48 -15.56 -30.70
CA SER A 23 17.62 -15.86 -29.85
C SER A 23 17.27 -16.35 -28.45
N LEU A 24 15.99 -16.39 -28.11
CA LEU A 24 15.60 -16.71 -26.74
C LEU A 24 15.78 -18.18 -26.42
N SER A 25 16.50 -18.47 -25.34
CA SER A 25 16.64 -19.85 -24.90
C SER A 25 15.27 -20.37 -24.54
N GLU A 26 15.12 -21.68 -24.52
CA GLU A 26 13.88 -22.29 -24.10
C GLU A 26 13.67 -21.99 -22.60
N GLU A 27 14.77 -21.70 -21.92
CA GLU A 27 14.73 -21.43 -20.50
C GLU A 27 14.28 -19.98 -20.27
N GLY A 28 14.67 -19.10 -21.20
CA GLY A 28 14.30 -17.69 -21.12
C GLY A 28 12.88 -17.46 -21.61
N ARG A 29 12.53 -18.18 -22.66
CA ARG A 29 11.17 -18.17 -23.17
C ARG A 29 10.23 -18.66 -22.07
N GLY A 30 10.73 -19.57 -21.24
CA GLY A 30 9.94 -20.12 -20.16
C GLY A 30 9.75 -19.13 -19.01
N LEU A 31 10.79 -18.34 -18.79
CA LEU A 31 10.79 -17.33 -17.74
C LEU A 31 9.75 -16.24 -18.01
N LEU A 32 9.73 -15.71 -19.23
CA LEU A 32 8.75 -14.70 -19.59
C LEU A 32 7.31 -15.23 -19.46
N LYS A 33 7.12 -16.55 -19.55
CA LYS A 33 5.78 -17.07 -19.36
C LYS A 33 5.44 -17.10 -17.88
N LYS A 34 6.39 -17.52 -17.06
CA LYS A 34 6.26 -17.54 -15.61
C LYS A 34 5.88 -16.14 -15.14
N LEU A 35 6.52 -15.15 -15.76
CA LEU A 35 6.26 -13.76 -15.40
C LEU A 35 4.81 -13.32 -15.67
N GLN A 36 4.35 -13.54 -16.91
CA GLN A 36 2.98 -13.19 -17.29
C GLN A 36 1.91 -14.02 -16.61
N ILE A 37 2.23 -15.26 -16.28
CA ILE A 37 1.24 -16.09 -15.62
C ILE A 37 1.79 -16.67 -14.33
N PRO A 38 1.54 -15.97 -13.21
CA PRO A 38 1.98 -16.46 -11.92
C PRO A 38 1.57 -17.91 -11.64
N ILE A 39 2.45 -18.63 -10.97
CA ILE A 39 2.24 -20.03 -10.62
C ILE A 39 1.43 -20.10 -9.34
N GLU A 40 0.12 -20.29 -9.49
CA GLU A 40 -0.77 -20.34 -8.34
C GLU A 40 -0.50 -21.65 -7.58
N PRO A 41 -0.97 -21.75 -6.32
CA PRO A 41 -0.86 -23.00 -5.56
C PRO A 41 -1.89 -24.06 -5.98
N LYS A 42 -1.46 -25.30 -6.20
CA LYS A 42 -2.41 -26.39 -6.43
C LYS A 42 -3.23 -26.61 -5.14
N LYS A 43 -4.52 -26.30 -5.21
CA LYS A 43 -5.43 -26.38 -4.05
C LYS A 43 -5.26 -27.67 -3.24
N ASP A 44 -4.98 -28.76 -3.94
CA ASP A 44 -4.72 -30.07 -3.33
C ASP A 44 -3.35 -30.14 -2.65
N ASP A 45 -2.32 -29.61 -3.31
CA ASP A 45 -0.94 -29.66 -2.80
C ASP A 45 -0.79 -29.09 -1.38
N ILE A 46 -1.71 -28.21 -0.98
CA ILE A 46 -1.65 -27.57 0.33
C ILE A 46 -2.37 -28.38 1.42
N ILE A 47 -3.64 -28.72 1.17
CA ILE A 47 -4.44 -29.48 2.13
C ILE A 47 -3.74 -30.78 2.55
N HIS A 48 -2.91 -31.31 1.66
CA HIS A 48 -2.10 -32.50 1.95
C HIS A 48 -0.80 -32.13 2.68
N SER A 49 -0.81 -31.02 3.39
CA SER A 49 0.31 -30.64 4.23
C SER A 49 -0.14 -30.59 5.70
N LEU A 50 -1.41 -30.26 5.89
CA LEU A 50 -2.00 -30.13 7.21
C LEU A 50 -2.07 -31.46 7.96
N SER A 51 -2.11 -31.39 9.29
CA SER A 51 -2.23 -32.58 10.14
C SER A 51 -3.71 -32.91 10.36
N GLN A 52 -3.99 -34.04 11.00
CA GLN A 52 -5.39 -34.42 11.27
C GLN A 52 -6.01 -33.42 12.24
N GLU A 53 -5.22 -33.00 13.22
CA GLU A 53 -5.65 -31.96 14.14
C GLU A 53 -5.96 -30.68 13.39
N GLU A 54 -5.05 -30.29 12.51
CA GLU A 54 -5.20 -29.06 11.72
C GLU A 54 -6.38 -29.08 10.74
N LYS A 55 -6.62 -30.24 10.13
CA LYS A 55 -7.75 -30.41 9.23
C LYS A 55 -9.06 -30.04 9.92
N GLU A 56 -9.17 -30.49 11.17
CA GLU A 56 -10.33 -30.18 12.00
C GLU A 56 -10.56 -28.68 12.09
N LEU A 57 -9.60 -27.95 12.67
CA LEU A 57 -9.69 -26.51 12.86
C LEU A 57 -10.04 -25.75 11.58
N LEU A 58 -9.80 -26.38 10.43
CA LEU A 58 -10.04 -25.76 9.13
C LEU A 58 -11.53 -25.73 8.76
N LYS A 59 -12.06 -26.87 8.35
CA LYS A 59 -13.42 -26.99 7.79
C LYS A 59 -14.50 -26.25 8.58
N ARG A 60 -14.20 -25.86 9.83
CA ARG A 60 -15.19 -25.31 10.76
C ARG A 60 -14.87 -23.93 11.34
N ILE A 61 -13.96 -23.19 10.72
CA ILE A 61 -13.62 -21.86 11.21
C ILE A 61 -14.39 -20.77 10.47
N GLN A 62 -14.78 -19.72 11.19
CA GLN A 62 -15.51 -18.58 10.61
C GLN A 62 -14.64 -17.79 9.63
N ILE A 63 -14.55 -18.28 8.38
CA ILE A 63 -13.52 -17.88 7.40
C ILE A 63 -13.82 -16.62 6.57
N ASP A 64 -14.93 -16.65 5.81
CA ASP A 64 -15.24 -15.59 4.84
C ASP A 64 -15.28 -14.17 5.43
N SER A 65 -15.26 -14.07 6.76
CA SER A 65 -15.32 -12.79 7.48
C SER A 65 -14.21 -12.67 8.53
N SER A 66 -12.98 -12.42 8.07
CA SER A 66 -11.83 -12.32 8.96
C SER A 66 -11.15 -10.95 8.91
N ASP A 67 -10.11 -10.78 9.72
CA ASP A 67 -9.36 -9.53 9.78
C ASP A 67 -8.35 -9.42 8.64
N PHE A 68 -7.48 -10.42 8.51
CA PHE A 68 -6.37 -10.35 7.56
C PHE A 68 -6.62 -11.06 6.23
N LEU A 69 -7.73 -11.78 6.12
CA LEU A 69 -8.01 -12.60 4.94
C LEU A 69 -8.34 -11.80 3.68
N SER A 70 -7.35 -11.70 2.78
CA SER A 70 -7.52 -11.02 1.50
C SER A 70 -8.66 -11.64 0.71
N THR A 71 -9.28 -10.86 -0.16
CA THR A 71 -10.36 -11.36 -0.99
C THR A 71 -9.89 -12.52 -1.84
N GLU A 72 -8.72 -12.36 -2.47
CA GLU A 72 -8.12 -13.43 -3.25
C GLU A 72 -7.73 -14.58 -2.32
N GLU A 73 -7.40 -14.23 -1.08
CA GLU A 73 -7.04 -15.21 -0.06
C GLU A 73 -8.27 -15.86 0.57
N LYS A 74 -9.24 -15.06 1.02
CA LYS A 74 -10.45 -15.58 1.65
C LYS A 74 -11.26 -16.49 0.72
N GLU A 75 -11.11 -16.29 -0.60
CA GLU A 75 -11.79 -17.11 -1.60
C GLU A 75 -11.05 -18.41 -1.83
N PHE A 76 -9.76 -18.29 -2.15
CA PHE A 76 -8.89 -19.44 -2.36
C PHE A 76 -8.92 -20.38 -1.16
N LEU A 77 -9.16 -19.81 0.01
CA LEU A 77 -9.18 -20.56 1.26
C LEU A 77 -10.51 -21.27 1.49
N LYS A 78 -11.63 -20.55 1.33
CA LYS A 78 -12.94 -21.17 1.45
C LYS A 78 -13.10 -22.24 0.36
N LYS A 79 -12.29 -22.12 -0.70
CA LYS A 79 -12.23 -23.10 -1.79
C LYS A 79 -11.66 -24.45 -1.35
N LEU A 80 -11.24 -24.51 -0.08
CA LEU A 80 -10.55 -25.66 0.48
C LEU A 80 -11.27 -26.23 1.71
N GLN A 81 -11.99 -25.36 2.43
CA GLN A 81 -12.78 -25.78 3.60
C GLN A 81 -13.85 -26.78 3.18
N ILE A 82 -14.20 -26.75 1.88
CA ILE A 82 -15.17 -27.67 1.29
C ILE A 82 -14.47 -28.84 0.62
N ASP A 83 -13.13 -28.89 0.70
CA ASP A 83 -12.38 -30.08 0.28
C ASP A 83 -12.46 -31.11 1.39
N ILE A 84 -13.27 -30.79 2.41
CA ILE A 84 -13.59 -31.70 3.51
C ILE A 84 -15.09 -31.94 3.57
N LEU A 107 -15.03 -14.54 16.26
CA LEU A 107 -14.14 -15.24 15.33
C LEU A 107 -13.67 -16.59 15.87
N SER A 108 -12.35 -16.80 15.90
CA SER A 108 -11.73 -18.03 16.43
C SER A 108 -10.26 -17.80 16.80
N GLU A 109 -10.01 -17.27 18.00
CA GLU A 109 -8.72 -16.66 18.33
C GLU A 109 -7.47 -17.57 18.27
N LYS A 110 -7.65 -18.88 18.34
CA LYS A 110 -6.52 -19.82 18.21
C LYS A 110 -6.43 -20.33 16.77
N GLU A 111 -7.43 -19.95 15.97
CA GLU A 111 -7.39 -20.13 14.53
C GLU A 111 -6.73 -18.89 13.90
N LYS A 112 -6.61 -17.84 14.70
CA LYS A 112 -6.01 -16.57 14.26
C LYS A 112 -4.49 -16.71 14.00
N GLU A 113 -3.77 -17.21 15.00
CA GLU A 113 -2.33 -17.41 14.90
C GLU A 113 -2.03 -18.53 13.92
N PHE A 114 -3.03 -19.38 13.71
CA PHE A 114 -2.96 -20.44 12.72
C PHE A 114 -2.99 -19.87 11.31
N LEU A 115 -3.89 -18.91 11.10
CA LEU A 115 -4.08 -18.29 9.79
C LEU A 115 -2.85 -17.53 9.32
N LYS A 116 -2.29 -16.72 10.23
CA LYS A 116 -1.10 -15.92 9.94
C LYS A 116 -0.05 -16.82 9.28
N LYS A 117 0.15 -18.00 9.87
CA LYS A 117 1.11 -18.94 9.34
C LYS A 117 0.68 -19.49 7.96
N LEU A 118 -0.62 -19.74 7.80
CA LEU A 118 -1.15 -20.35 6.58
C LEU A 118 -1.17 -19.39 5.40
N LYS A 119 -1.10 -18.09 5.69
CA LYS A 119 -1.24 -17.07 4.65
C LYS A 119 -0.01 -17.03 3.76
N LEU A 120 1.12 -17.47 4.30
CA LEU A 120 2.40 -17.43 3.59
C LEU A 120 2.60 -18.62 2.68
N ASP A 121 1.90 -19.71 2.98
CA ASP A 121 2.10 -20.94 2.24
C ASP A 121 1.16 -21.07 1.02
N ILE A 122 0.38 -20.02 0.71
CA ILE A 122 -0.54 -20.10 -0.42
C ILE A 122 -0.52 -18.90 -1.38
N GLN A 123 0.43 -18.00 -1.20
CA GLN A 123 0.58 -16.89 -2.11
C GLN A 123 1.12 -17.42 -3.42
N PRO A 124 0.58 -16.95 -4.55
CA PRO A 124 1.17 -17.47 -5.80
C PRO A 124 2.62 -17.04 -5.93
N TYR A 125 3.31 -17.55 -6.93
CA TYR A 125 4.65 -17.07 -7.20
C TYR A 125 4.49 -16.05 -8.31
N ASP A 126 4.50 -14.77 -7.92
CA ASP A 126 4.15 -13.71 -8.85
C ASP A 126 5.22 -12.65 -8.83
N ILE A 127 6.17 -12.76 -9.77
CA ILE A 127 7.34 -11.89 -9.83
C ILE A 127 6.97 -10.41 -9.86
N ASN A 128 6.12 -10.03 -10.81
CA ASN A 128 5.66 -8.65 -10.93
C ASN A 128 5.09 -8.11 -9.62
N GLN A 129 4.36 -8.96 -8.89
CA GLN A 129 3.80 -8.60 -7.60
C GLN A 129 4.90 -8.39 -6.55
N ARG A 130 5.92 -9.25 -6.62
CA ARG A 130 7.01 -9.21 -5.69
C ARG A 130 7.71 -7.88 -5.83
N LEU A 131 7.96 -7.48 -7.07
CA LEU A 131 8.60 -6.21 -7.31
C LEU A 131 7.73 -5.07 -6.79
N GLN A 132 6.44 -5.09 -7.08
CA GLN A 132 5.55 -4.04 -6.62
C GLN A 132 5.44 -4.00 -5.09
N ASP A 133 5.28 -5.15 -4.45
CA ASP A 133 5.15 -5.14 -2.98
C ASP A 133 6.39 -4.51 -2.35
N THR A 134 7.56 -4.76 -2.92
CA THR A 134 8.83 -4.35 -2.33
C THR A 134 9.36 -3.04 -2.91
N GLY A 135 8.69 -2.50 -3.91
CA GLY A 135 9.18 -1.32 -4.58
C GLY A 135 10.50 -1.52 -5.28
N GLY A 136 10.82 -2.76 -5.64
CA GLY A 136 12.11 -3.10 -6.20
C GLY A 136 13.16 -3.55 -5.18
N LEU A 137 12.96 -3.21 -3.90
CA LEU A 137 13.84 -3.67 -2.84
C LEU A 137 13.64 -5.16 -2.52
N ILE A 138 14.00 -6.01 -3.48
CA ILE A 138 13.72 -7.44 -3.43
C ILE A 138 14.43 -8.17 -2.28
N ASP A 139 15.43 -7.52 -1.72
CA ASP A 139 16.18 -8.08 -0.61
C ASP A 139 15.43 -8.02 0.73
N SER A 140 14.37 -7.23 0.78
CA SER A 140 13.57 -7.08 1.99
C SER A 140 13.13 -8.42 2.59
N PRO A 141 13.49 -8.63 3.86
CA PRO A 141 13.25 -9.90 4.56
C PRO A 141 11.77 -10.15 4.88
N SER A 142 10.93 -10.05 3.86
CA SER A 142 9.50 -10.15 4.07
C SER A 142 8.95 -11.46 3.54
N ILE A 143 9.76 -12.24 2.83
CA ILE A 143 9.38 -13.65 2.65
C ILE A 143 10.56 -14.56 2.90
N ASN A 144 10.22 -15.84 3.05
CA ASN A 144 11.15 -16.95 3.16
C ASN A 144 12.43 -16.82 2.30
N LEU A 145 13.61 -16.94 2.92
CA LEU A 145 14.89 -16.66 2.24
C LEU A 145 15.05 -17.39 0.91
N ASP A 146 14.64 -18.64 0.86
CA ASP A 146 14.93 -19.43 -0.32
C ASP A 146 13.99 -19.01 -1.46
N VAL A 147 12.80 -18.59 -1.11
CA VAL A 147 11.87 -18.02 -2.06
C VAL A 147 12.29 -16.60 -2.47
N ARG A 148 12.82 -15.84 -1.52
CA ARG A 148 13.32 -14.50 -1.80
C ARG A 148 14.47 -14.55 -2.80
N LYS A 149 15.23 -15.65 -2.76
CA LYS A 149 16.37 -15.84 -3.64
C LYS A 149 15.94 -16.29 -5.02
N GLN A 150 14.90 -17.12 -5.06
CA GLN A 150 14.31 -17.54 -6.33
C GLN A 150 13.86 -16.31 -7.10
N TYR A 151 13.07 -15.44 -6.44
CA TYR A 151 12.61 -14.19 -7.06
C TYR A 151 13.79 -13.40 -7.62
N LYS A 152 14.83 -13.30 -6.79
CA LYS A 152 16.04 -12.57 -7.15
C LYS A 152 16.76 -13.16 -8.36
N ARG A 153 16.85 -14.49 -8.43
CA ARG A 153 17.49 -15.14 -9.58
C ARG A 153 16.69 -14.81 -10.86
N ASP A 154 15.37 -14.95 -10.76
CA ASP A 154 14.49 -14.71 -11.89
C ASP A 154 14.52 -13.25 -12.34
N ILE A 155 14.42 -12.33 -11.40
CA ILE A 155 14.41 -10.91 -11.73
C ILE A 155 15.70 -10.51 -12.41
N GLN A 156 16.81 -11.06 -11.93
CA GLN A 156 18.08 -10.74 -12.56
C GLN A 156 18.16 -11.32 -13.97
N ASN A 157 17.71 -12.57 -14.14
CA ASN A 157 17.69 -13.17 -15.47
C ASN A 157 16.88 -12.36 -16.48
N ILE A 158 15.72 -11.89 -16.04
CA ILE A 158 14.87 -11.12 -16.93
C ILE A 158 15.52 -9.77 -17.32
N ASP A 159 16.10 -9.08 -16.34
CA ASP A 159 16.86 -7.87 -16.63
C ASP A 159 17.87 -8.11 -17.76
N ALA A 160 18.57 -9.24 -17.69
CA ALA A 160 19.58 -9.60 -18.68
C ALA A 160 18.95 -9.93 -20.03
N LEU A 161 17.75 -10.51 -19.98
CA LEU A 161 16.97 -10.78 -21.19
C LEU A 161 16.54 -9.51 -21.90
N LEU A 162 16.26 -8.48 -21.11
CA LEU A 162 15.69 -7.28 -21.67
C LEU A 162 16.78 -6.23 -21.90
N HIS A 163 17.55 -6.45 -22.95
CA HIS A 163 18.71 -5.60 -23.20
C HIS A 163 18.59 -4.68 -24.42
N GLN A 164 17.50 -4.78 -25.17
CA GLN A 164 17.44 -4.03 -26.42
C GLN A 164 16.47 -2.86 -26.38
N SER A 165 16.99 -1.66 -26.61
CA SER A 165 16.16 -0.47 -26.65
C SER A 165 15.10 -0.57 -27.71
N ILE A 166 14.10 0.28 -27.58
CA ILE A 166 13.10 0.40 -28.62
C ILE A 166 13.78 1.08 -29.82
N GLY A 167 14.86 1.79 -29.55
CA GLY A 167 15.64 2.43 -30.60
C GLY A 167 15.10 3.80 -30.93
N SER A 168 15.98 4.65 -31.46
CA SER A 168 15.68 6.07 -31.65
C SER A 168 14.88 6.36 -32.90
N THR A 169 14.31 5.32 -33.49
CA THR A 169 13.53 5.45 -34.71
C THR A 169 12.06 5.15 -34.48
N LEU A 170 11.80 4.08 -33.74
CA LEU A 170 10.44 3.68 -33.43
C LEU A 170 9.80 4.50 -32.30
N TYR A 171 10.60 4.88 -31.30
CA TYR A 171 10.07 5.39 -30.03
C TYR A 171 9.02 6.50 -30.16
N ASN A 172 9.19 7.39 -31.15
CA ASN A 172 8.30 8.56 -31.29
C ASN A 172 7.23 8.41 -32.38
N LYS A 173 7.23 7.26 -33.03
CA LYS A 173 6.28 6.97 -34.11
C LYS A 173 5.27 5.92 -33.65
N ILE A 174 5.41 5.45 -32.41
CA ILE A 174 4.46 4.50 -31.81
C ILE A 174 3.97 4.82 -30.37
N TYR A 175 2.78 4.34 -30.08
CA TYR A 175 2.17 4.46 -28.76
C TYR A 175 1.97 3.08 -28.19
N LEU A 176 2.17 2.92 -26.90
CA LEU A 176 1.89 1.65 -26.25
C LEU A 176 0.83 1.87 -25.20
N TYR A 177 0.03 0.84 -24.97
CA TYR A 177 -1.18 1.02 -24.20
C TYR A 177 -1.19 0.09 -23.01
N GLU A 178 -1.81 0.56 -21.93
CA GLU A 178 -2.05 -0.28 -20.77
C GLU A 178 -3.46 -0.04 -20.25
N ASN A 179 -4.12 -1.10 -19.82
CA ASN A 179 -5.37 -0.93 -19.11
C ASN A 179 -5.16 -1.32 -17.67
N MET A 180 -5.66 -0.50 -16.76
CA MET A 180 -5.37 -0.64 -15.35
C MET A 180 -6.64 -0.42 -14.53
N ASN A 181 -6.76 -1.12 -13.40
CA ASN A 181 -7.88 -0.90 -12.51
C ASN A 181 -7.56 0.30 -11.60
N ILE A 182 -8.54 1.18 -11.41
CA ILE A 182 -8.32 2.38 -10.61
C ILE A 182 -7.84 2.04 -9.20
N ASN A 183 -8.20 0.86 -8.71
CA ASN A 183 -7.84 0.47 -7.36
C ASN A 183 -6.40 0.06 -7.23
N ASN A 184 -5.74 -0.10 -8.37
CA ASN A 184 -4.30 -0.33 -8.36
C ASN A 184 -3.63 0.91 -7.81
N LEU A 185 -4.25 2.07 -7.98
CA LEU A 185 -3.62 3.34 -7.62
C LEU A 185 -4.13 4.00 -6.31
N THR A 186 -5.42 3.91 -6.02
CA THR A 186 -5.95 4.38 -4.74
C THR A 186 -7.29 3.70 -4.52
N ALA A 187 -7.34 2.82 -3.53
CA ALA A 187 -8.57 2.10 -3.24
C ALA A 187 -9.63 3.03 -2.64
N THR A 188 -9.19 4.01 -1.86
CA THR A 188 -10.10 5.01 -1.30
C THR A 188 -10.89 5.72 -2.39
N LEU A 189 -10.18 6.30 -3.35
CA LEU A 189 -10.83 7.10 -4.39
C LEU A 189 -11.46 6.25 -5.50
N GLY A 190 -11.15 4.97 -5.56
CA GLY A 190 -11.69 4.09 -6.60
C GLY A 190 -13.04 3.49 -6.26
N ALA A 191 -13.36 3.50 -4.96
CA ALA A 191 -14.66 3.07 -4.47
C ALA A 191 -15.79 3.94 -5.00
N ASP A 192 -15.44 5.16 -5.38
CA ASP A 192 -16.44 6.17 -5.71
C ASP A 192 -16.12 6.89 -7.03
N LEU A 193 -15.17 6.36 -7.78
CA LEU A 193 -14.79 6.95 -9.07
C LEU A 193 -15.89 6.79 -10.13
N VAL A 194 -16.72 5.76 -9.96
CA VAL A 194 -17.89 5.55 -10.81
C VAL A 194 -19.18 6.02 -10.11
N ASP A 195 -20.03 6.77 -10.82
CA ASP A 195 -21.33 7.16 -10.24
C ASP A 195 -22.15 5.89 -10.05
N SER A 196 -22.79 5.77 -8.88
CA SER A 196 -23.75 4.70 -8.65
C SER A 196 -25.02 5.14 -9.36
N THR A 197 -25.14 6.47 -9.52
CA THR A 197 -26.18 7.09 -10.33
C THR A 197 -26.20 6.48 -11.72
N ASP A 198 -25.10 6.69 -12.45
CA ASP A 198 -24.86 6.09 -13.76
C ASP A 198 -23.48 5.42 -13.80
N ASN A 199 -23.45 4.11 -14.02
CA ASN A 199 -22.19 3.37 -13.92
C ASN A 199 -21.38 3.35 -15.22
N THR A 200 -21.88 4.03 -16.25
CA THR A 200 -21.11 4.19 -17.47
C THR A 200 -20.54 5.59 -17.56
N LYS A 201 -20.71 6.37 -16.50
CA LYS A 201 -20.14 7.71 -16.44
C LYS A 201 -19.22 7.84 -15.24
N ILE A 202 -18.29 8.79 -15.31
CA ILE A 202 -17.33 9.00 -14.23
C ILE A 202 -17.70 10.22 -13.40
N ASN A 203 -17.79 10.06 -12.07
CA ASN A 203 -17.96 11.19 -11.15
C ASN A 203 -16.86 12.24 -11.38
N ARG A 204 -17.25 13.44 -11.78
CA ARG A 204 -16.30 14.45 -12.27
C ARG A 204 -15.51 15.16 -11.16
N GLY A 205 -15.93 14.96 -9.92
CA GLY A 205 -15.26 15.61 -8.80
C GLY A 205 -14.07 14.78 -8.44
N ILE A 206 -14.34 13.49 -8.25
CA ILE A 206 -13.29 12.51 -8.02
C ILE A 206 -12.27 12.49 -9.16
N PHE A 207 -12.71 12.76 -10.39
CA PHE A 207 -11.77 12.94 -11.50
C PHE A 207 -10.78 14.06 -11.23
N ASN A 208 -11.29 15.25 -10.88
CA ASN A 208 -10.41 16.42 -10.71
C ASN A 208 -9.38 16.23 -9.59
N GLU A 209 -9.73 15.44 -8.56
CA GLU A 209 -8.77 15.22 -7.49
C GLU A 209 -7.95 13.94 -7.66
N PHE A 210 -8.41 13.03 -8.51
CA PHE A 210 -7.50 12.03 -9.04
C PHE A 210 -6.43 12.74 -9.86
N LYS A 211 -6.84 13.58 -10.82
CA LYS A 211 -5.88 14.27 -11.67
C LYS A 211 -5.26 15.51 -11.03
N LYS A 212 -5.75 15.93 -9.86
CA LYS A 212 -5.22 17.11 -9.17
C LYS A 212 -3.69 17.06 -9.10
N ASN A 213 -3.19 16.10 -8.33
CA ASN A 213 -1.75 15.94 -8.22
C ASN A 213 -1.24 14.62 -8.78
N PHE A 214 -1.52 14.37 -10.06
CA PHE A 214 -0.94 13.23 -10.73
C PHE A 214 0.01 13.73 -11.82
N LYS A 215 1.27 13.89 -11.42
CA LYS A 215 2.30 14.51 -12.25
C LYS A 215 3.34 13.49 -12.69
N TYR A 216 3.55 12.45 -11.89
CA TYR A 216 4.51 11.42 -12.26
C TYR A 216 4.23 10.07 -11.61
N SER A 217 4.84 9.04 -12.19
CA SER A 217 4.52 7.65 -11.93
C SER A 217 5.82 6.89 -11.87
N ILE A 218 5.87 5.74 -11.18
CA ILE A 218 7.04 4.86 -11.23
C ILE A 218 6.70 3.39 -11.40
N SER A 219 7.14 2.77 -12.47
CA SER A 219 7.01 1.32 -12.53
C SER A 219 8.20 0.63 -11.88
N SER A 220 7.96 -0.16 -10.85
CA SER A 220 9.05 -0.89 -10.24
C SER A 220 8.99 -2.36 -10.61
N ASN A 221 8.04 -2.72 -11.45
CA ASN A 221 8.04 -4.06 -11.99
C ASN A 221 8.10 -4.02 -13.52
N TYR A 222 7.83 -5.15 -14.18
CA TYR A 222 7.90 -5.12 -15.63
C TYR A 222 6.52 -4.83 -16.18
N MET A 223 6.38 -3.66 -16.81
CA MET A 223 5.12 -3.33 -17.44
C MET A 223 4.89 -4.20 -18.66
N ILE A 224 3.68 -4.73 -18.76
CA ILE A 224 3.30 -5.47 -19.94
C ILE A 224 2.24 -4.69 -20.67
N VAL A 225 2.58 -4.21 -21.86
CA VAL A 225 1.75 -3.24 -22.56
C VAL A 225 1.31 -3.71 -23.94
N ASP A 226 0.20 -3.16 -24.44
CA ASP A 226 -0.32 -3.56 -25.74
C ASP A 226 0.16 -2.64 -26.84
N ILE A 227 0.46 -3.20 -28.00
CA ILE A 227 0.91 -2.43 -29.15
C ILE A 227 -0.29 -1.72 -29.72
N ASN A 228 -1.40 -2.42 -29.69
CA ASN A 228 -2.66 -1.85 -30.07
C ASN A 228 -3.56 -1.74 -28.86
N GLU A 229 -4.16 -0.56 -28.68
CA GLU A 229 -5.06 -0.35 -27.56
C GLU A 229 -6.10 -1.46 -27.58
N ARG A 230 -6.35 -1.99 -26.39
CA ARG A 230 -7.19 -3.16 -26.20
C ARG A 230 -8.46 -2.64 -25.54
N PRO A 231 -9.62 -3.16 -25.93
CA PRO A 231 -10.86 -2.75 -25.24
C PRO A 231 -10.90 -3.13 -23.77
N ALA A 232 -11.42 -2.22 -22.94
CA ALA A 232 -11.46 -2.42 -21.51
C ALA A 232 -12.28 -3.64 -21.11
N LEU A 233 -11.79 -4.35 -20.09
CA LEU A 233 -12.54 -5.46 -19.51
C LEU A 233 -13.06 -5.05 -18.14
N ASP A 234 -13.74 -5.97 -17.46
CA ASP A 234 -14.73 -5.66 -16.40
C ASP A 234 -14.50 -4.39 -15.53
N ASN A 235 -13.33 -4.27 -14.91
CA ASN A 235 -13.13 -3.18 -13.96
C ASN A 235 -11.91 -2.32 -14.26
N GLU A 236 -11.61 -2.13 -15.53
CA GLU A 236 -10.48 -1.31 -15.93
C GLU A 236 -10.98 -0.03 -16.57
N ARG A 237 -11.12 1.04 -15.80
CA ARG A 237 -11.53 2.30 -16.41
C ARG A 237 -10.37 3.24 -16.71
N LEU A 238 -9.14 2.82 -16.44
CA LEU A 238 -7.97 3.64 -16.79
C LEU A 238 -7.29 3.14 -18.07
N LYS A 239 -7.18 4.01 -19.06
CA LYS A 239 -6.58 3.59 -20.32
C LYS A 239 -5.31 4.39 -20.59
N TRP A 240 -4.20 3.86 -20.06
CA TRP A 240 -2.89 4.44 -20.27
C TRP A 240 -2.49 4.40 -21.75
N ARG A 241 -2.03 5.54 -22.24
CA ARG A 241 -1.39 5.66 -23.54
C ARG A 241 0.01 6.17 -23.28
N ILE A 242 1.01 5.41 -23.73
CA ILE A 242 2.37 5.63 -23.28
C ILE A 242 3.32 5.84 -24.43
N GLN A 243 4.29 6.72 -24.21
CA GLN A 243 5.33 6.96 -25.20
C GLN A 243 6.71 6.58 -24.65
N LEU A 244 7.33 5.57 -25.26
CA LEU A 244 8.64 5.10 -24.85
C LEU A 244 9.70 6.14 -25.15
N SER A 245 10.86 5.99 -24.52
CA SER A 245 12.05 6.78 -24.86
C SER A 245 13.00 5.94 -25.71
N PRO A 246 13.93 6.57 -26.45
CA PRO A 246 14.81 5.77 -27.31
C PRO A 246 15.60 4.70 -26.55
N ASP A 247 15.96 4.99 -25.31
CA ASP A 247 16.76 4.08 -24.46
C ASP A 247 15.95 3.01 -23.71
N THR A 248 14.62 3.15 -23.66
CA THR A 248 13.80 2.23 -22.89
C THR A 248 14.01 0.82 -23.40
N ARG A 249 14.35 -0.09 -22.50
CA ARG A 249 14.56 -1.46 -22.94
C ARG A 249 13.26 -2.23 -22.85
N ALA A 250 13.02 -3.09 -23.83
CA ALA A 250 11.76 -3.83 -23.94
C ALA A 250 11.94 -5.15 -24.68
N GLY A 251 10.94 -6.01 -24.61
CA GLY A 251 10.96 -7.27 -25.32
C GLY A 251 9.60 -7.57 -25.93
N TYR A 252 9.59 -8.15 -27.13
CA TYR A 252 8.35 -8.56 -27.78
C TYR A 252 7.76 -9.77 -27.11
N LEU A 253 6.47 -9.69 -26.80
CA LEU A 253 5.73 -10.86 -26.35
C LEU A 253 4.71 -11.18 -27.39
N GLU A 254 4.56 -12.47 -27.69
CA GLU A 254 3.57 -12.94 -28.66
C GLU A 254 2.19 -12.27 -28.47
N ASN A 255 1.44 -12.16 -29.56
CA ASN A 255 0.11 -11.52 -29.61
C ASN A 255 0.06 -10.04 -29.32
N GLY A 256 1.01 -9.29 -29.86
CA GLY A 256 0.94 -7.84 -29.89
C GLY A 256 1.28 -7.11 -28.62
N LYS A 257 2.20 -7.65 -27.82
CA LYS A 257 2.54 -6.99 -26.58
C LYS A 257 4.03 -6.73 -26.44
N LEU A 258 4.37 -5.83 -25.53
CA LEU A 258 5.75 -5.51 -25.21
C LEU A 258 5.92 -5.71 -23.73
N ILE A 259 7.10 -6.20 -23.33
CA ILE A 259 7.40 -6.19 -21.92
C ILE A 259 8.48 -5.15 -21.73
N LEU A 260 8.25 -4.22 -20.81
CA LEU A 260 9.19 -3.14 -20.58
C LEU A 260 10.11 -3.48 -19.43
N GLN A 261 11.35 -3.03 -19.52
CA GLN A 261 12.26 -3.07 -18.39
C GLN A 261 11.65 -2.39 -17.19
N ARG A 262 11.92 -2.93 -16.01
CA ARG A 262 11.45 -2.35 -14.77
C ARG A 262 12.22 -1.08 -14.42
N ASN A 263 11.88 -0.49 -13.29
CA ASN A 263 12.53 0.72 -12.81
C ASN A 263 12.56 1.86 -13.82
N ILE A 264 11.38 2.23 -14.31
CA ILE A 264 11.32 3.38 -15.20
C ILE A 264 10.36 4.40 -14.64
N GLY A 265 10.48 5.64 -15.10
CA GLY A 265 9.63 6.69 -14.60
C GLY A 265 8.71 7.18 -15.69
N LEU A 266 7.54 7.66 -15.29
CA LEU A 266 6.58 8.20 -16.25
C LEU A 266 6.10 9.60 -15.85
N GLU A 267 6.22 10.55 -16.78
CA GLU A 267 5.67 11.86 -16.53
C GLU A 267 4.27 11.91 -17.06
N ILE A 268 3.34 12.27 -16.20
CA ILE A 268 1.95 12.36 -16.60
C ILE A 268 1.76 13.61 -17.43
N LYS A 269 1.40 13.42 -18.70
CA LYS A 269 1.32 14.53 -19.65
C LYS A 269 -0.10 15.03 -19.88
N ASP A 270 -1.10 14.17 -19.75
CA ASP A 270 -2.50 14.61 -19.80
C ASP A 270 -3.46 13.54 -19.27
N VAL A 271 -4.30 13.91 -18.31
CA VAL A 271 -5.31 12.98 -17.82
C VAL A 271 -6.69 13.50 -18.21
N GLN A 272 -7.36 12.82 -19.13
CA GLN A 272 -8.63 13.31 -19.63
C GLN A 272 -9.75 12.29 -19.50
N ILE A 273 -11.00 12.75 -19.64
CA ILE A 273 -12.10 11.82 -19.81
C ILE A 273 -12.40 11.63 -21.28
N ILE A 274 -12.26 10.40 -21.76
CA ILE A 274 -12.71 10.12 -23.10
C ILE A 274 -13.89 9.16 -23.10
N LYS A 275 -14.54 9.09 -24.25
CA LYS A 275 -15.67 8.20 -24.37
C LYS A 275 -15.27 7.14 -25.36
N GLN A 276 -15.67 5.91 -25.06
CA GLN A 276 -15.42 4.77 -25.92
C GLN A 276 -16.62 3.82 -25.87
N SER A 277 -17.40 3.80 -26.95
CA SER A 277 -18.59 2.97 -27.06
C SER A 277 -19.57 3.25 -25.94
N GLU A 278 -19.95 4.52 -25.84
CA GLU A 278 -20.94 5.00 -24.87
C GLU A 278 -20.70 4.45 -23.44
N LYS A 279 -19.44 4.37 -23.04
CA LYS A 279 -19.08 4.32 -21.63
C LYS A 279 -17.94 5.31 -21.42
N GLU A 280 -17.65 5.64 -20.17
CA GLU A 280 -16.65 6.66 -19.93
C GLU A 280 -15.40 6.08 -19.29
N TYR A 281 -14.26 6.60 -19.77
CA TYR A 281 -12.94 6.16 -19.33
C TYR A 281 -12.01 7.35 -19.06
N ILE A 282 -10.91 7.07 -18.36
CA ILE A 282 -9.84 8.04 -18.18
C ILE A 282 -8.65 7.76 -19.08
N ARG A 283 -8.33 8.72 -19.94
CA ARG A 283 -7.10 8.69 -20.74
C ARG A 283 -5.92 9.25 -19.94
N ILE A 284 -4.93 8.41 -19.63
CA ILE A 284 -3.74 8.91 -18.96
C ILE A 284 -2.60 8.91 -19.96
N ASP A 285 -2.19 10.07 -20.41
CA ASP A 285 -1.05 10.14 -21.32
C ASP A 285 0.25 10.28 -20.52
N ALA A 286 1.21 9.39 -20.78
CA ALA A 286 2.49 9.41 -20.05
C ALA A 286 3.69 9.21 -20.98
N LYS A 287 4.79 9.88 -20.63
CA LYS A 287 6.08 9.73 -21.33
C LYS A 287 7.08 9.03 -20.41
N VAL A 288 7.91 8.16 -20.97
CA VAL A 288 8.97 7.51 -20.19
C VAL A 288 10.12 8.48 -19.99
N VAL A 289 10.62 8.56 -18.76
CA VAL A 289 11.80 9.35 -18.40
C VAL A 289 12.64 8.56 -17.40
N PRO A 290 13.88 8.99 -17.15
CA PRO A 290 14.70 8.29 -16.15
C PRO A 290 14.10 8.29 -14.74
N LYS A 291 14.04 7.11 -14.13
CA LYS A 291 13.54 6.96 -12.78
C LYS A 291 14.18 7.98 -11.88
N SER A 292 15.46 8.24 -12.14
CA SER A 292 16.22 9.19 -11.32
C SER A 292 15.64 10.60 -11.37
N LYS A 293 15.14 11.03 -12.52
CA LYS A 293 14.56 12.36 -12.59
C LYS A 293 13.45 12.52 -11.53
N ILE A 294 12.58 11.51 -11.43
CA ILE A 294 11.52 11.46 -10.43
C ILE A 294 12.06 11.29 -9.02
N ASP A 295 12.98 10.36 -8.82
CA ASP A 295 13.57 10.14 -7.49
C ASP A 295 14.09 11.45 -6.92
N THR A 296 14.64 12.28 -7.78
CA THR A 296 15.13 13.57 -7.35
C THR A 296 13.94 14.39 -6.87
N LYS A 297 12.89 14.46 -7.69
CA LYS A 297 11.68 15.19 -7.34
C LYS A 297 11.12 14.73 -5.99
N ILE A 298 11.10 13.43 -5.76
CA ILE A 298 10.64 12.93 -4.47
C ILE A 298 11.60 13.38 -3.37
N GLN A 299 12.90 13.22 -3.60
CA GLN A 299 13.90 13.63 -2.63
C GLN A 299 13.77 15.12 -2.32
N GLU A 300 13.56 15.91 -3.35
CA GLU A 300 13.36 17.33 -3.17
C GLU A 300 12.13 17.56 -2.30
N ALA A 301 11.03 16.88 -2.58
CA ALA A 301 9.83 17.04 -1.77
C ALA A 301 10.05 16.62 -0.32
N GLN A 302 10.59 15.43 -0.09
CA GLN A 302 10.86 14.96 1.27
C GLN A 302 11.66 15.98 2.11
N LEU A 303 12.65 16.60 1.48
CA LEU A 303 13.42 17.65 2.15
C LEU A 303 12.49 18.79 2.58
N ASN A 304 11.71 19.26 1.62
CA ASN A 304 10.86 20.42 1.76
C ASN A 304 9.84 20.30 2.88
N ILE A 305 9.18 19.15 2.95
CA ILE A 305 8.12 18.91 3.92
C ILE A 305 8.68 18.77 5.34
N ASN A 306 9.95 18.40 5.47
CA ASN A 306 10.55 18.32 6.79
C ASN A 306 10.95 19.72 7.20
N GLN A 307 11.42 20.49 6.22
CA GLN A 307 11.76 21.89 6.41
C GLN A 307 10.61 22.60 7.05
N GLU A 308 9.46 22.42 6.43
CA GLU A 308 8.27 23.15 6.76
C GLU A 308 7.67 22.72 8.10
N TRP A 309 7.71 21.42 8.36
CA TRP A 309 7.12 20.88 9.58
C TRP A 309 8.07 20.86 10.77
N ASN A 310 9.36 21.03 10.51
CA ASN A 310 10.31 21.18 11.61
C ASN A 310 10.07 22.53 12.26
N LYS A 311 9.86 23.53 11.41
CA LYS A 311 9.52 24.87 11.82
C LYS A 311 8.23 24.87 12.64
N ALA A 312 7.21 24.16 12.17
CA ALA A 312 5.91 24.16 12.82
C ALA A 312 5.91 23.44 14.16
N LEU A 313 6.92 22.60 14.39
CA LEU A 313 6.96 21.80 15.60
C LEU A 313 8.10 22.24 16.49
N GLY A 314 8.94 23.13 15.96
CA GLY A 314 10.04 23.67 16.74
C GLY A 314 11.02 22.57 17.01
N LEU A 315 11.35 21.88 15.93
CA LEU A 315 12.38 20.88 15.93
C LEU A 315 13.53 21.38 15.06
N PRO A 316 14.71 20.81 15.26
CA PRO A 316 15.91 21.22 14.55
C PRO A 316 15.72 21.27 13.04
N LYS A 317 16.26 22.31 12.41
CA LYS A 317 16.15 22.56 10.97
C LYS A 317 16.31 21.30 10.12
N TYR A 318 17.22 20.43 10.56
CA TYR A 318 17.75 19.32 9.77
C TYR A 318 17.18 17.98 10.21
N THR A 319 16.20 17.99 11.10
CA THR A 319 15.65 16.74 11.63
C THR A 319 14.98 15.95 10.51
N LYS A 320 15.24 14.63 10.49
CA LYS A 320 14.56 13.71 9.57
C LYS A 320 13.40 13.03 10.26
N LEU A 321 12.19 13.53 10.04
CA LEU A 321 11.01 12.93 10.66
C LEU A 321 10.13 12.26 9.63
N ILE A 322 9.91 12.97 8.53
CA ILE A 322 9.05 12.45 7.47
C ILE A 322 9.84 11.70 6.40
N THR A 323 9.44 10.47 6.09
CA THR A 323 10.09 9.68 5.05
C THR A 323 9.14 9.45 3.90
N PHE A 324 9.60 9.63 2.68
CA PHE A 324 8.84 9.20 1.51
C PHE A 324 9.45 7.94 0.96
N ASN A 325 8.69 6.87 1.08
CA ASN A 325 9.11 5.60 0.54
C ASN A 325 8.25 5.29 -0.68
N VAL A 326 8.64 5.80 -1.84
CA VAL A 326 7.73 5.78 -2.97
C VAL A 326 8.33 5.10 -4.18
N HIS A 327 7.64 4.12 -4.75
CA HIS A 327 8.25 3.26 -5.80
C HIS A 327 7.27 2.78 -6.87
N ASN A 328 6.05 3.30 -6.85
CA ASN A 328 4.99 2.73 -7.69
C ASN A 328 4.14 3.77 -8.43
N ARG A 329 3.10 3.29 -9.12
CA ARG A 329 2.45 4.03 -10.21
C ARG A 329 1.68 5.30 -9.82
N TYR A 330 1.19 5.42 -8.59
CA TYR A 330 0.56 6.70 -8.18
C TYR A 330 1.53 7.51 -7.32
N ALA A 331 2.81 7.46 -7.71
CA ALA A 331 3.91 8.06 -6.96
C ALA A 331 3.62 9.45 -6.42
N SER A 332 3.41 10.41 -7.31
CA SER A 332 3.29 11.81 -6.93
C SER A 332 2.16 12.06 -5.95
N ASN A 333 1.16 11.19 -5.94
CA ASN A 333 0.04 11.44 -5.07
C ASN A 333 0.34 11.10 -3.62
N ILE A 334 1.07 10.02 -3.41
CA ILE A 334 1.58 9.68 -2.08
C ILE A 334 2.23 10.88 -1.45
N VAL A 335 2.99 11.61 -2.26
CA VAL A 335 3.72 12.78 -1.76
C VAL A 335 2.77 13.90 -1.38
N GLU A 336 1.92 14.30 -2.31
CA GLU A 336 1.01 15.39 -2.08
C GLU A 336 -0.01 15.05 -1.00
N SER A 337 -0.45 13.80 -0.98
CA SER A 337 -1.37 13.31 0.04
C SER A 337 -0.80 13.54 1.45
N ALA A 338 0.50 13.38 1.61
CA ALA A 338 1.08 13.46 2.92
C ALA A 338 0.93 14.86 3.49
N TYR A 339 1.01 15.87 2.63
CA TYR A 339 0.80 17.24 3.09
C TYR A 339 -0.59 17.46 3.71
N LEU A 340 -1.63 16.90 3.09
CA LEU A 340 -3.00 17.10 3.58
C LEU A 340 -3.21 16.34 4.87
N ILE A 341 -2.77 15.09 4.87
CA ILE A 341 -2.80 14.24 6.05
C ILE A 341 -2.14 14.93 7.22
N LEU A 342 -1.02 15.60 6.99
CA LEU A 342 -0.33 16.24 8.09
C LEU A 342 -1.01 17.55 8.49
N ASN A 343 -1.63 18.23 7.52
CA ASN A 343 -2.43 19.42 7.80
C ASN A 343 -3.64 19.11 8.65
N GLU A 344 -4.37 18.07 8.26
CA GLU A 344 -5.55 17.61 8.97
C GLU A 344 -5.21 17.18 10.40
N TRP A 345 -4.01 16.67 10.57
CA TRP A 345 -3.50 16.29 11.87
C TRP A 345 -3.30 17.51 12.79
N LYS A 346 -2.82 18.61 12.22
CA LYS A 346 -2.52 19.78 13.02
C LYS A 346 -3.81 20.53 13.33
N ASN A 347 -4.72 20.57 12.35
CA ASN A 347 -6.03 21.21 12.52
C ASN A 347 -6.90 20.56 13.57
N ASN A 348 -6.77 19.25 13.75
CA ASN A 348 -7.74 18.50 14.54
C ASN A 348 -7.22 18.00 15.88
N ILE A 349 -6.02 18.40 16.23
CA ILE A 349 -5.36 17.94 17.44
C ILE A 349 -4.61 19.12 18.05
N GLN A 350 -4.77 19.29 19.37
CA GLN A 350 -4.13 20.38 20.09
C GLN A 350 -2.66 20.48 19.75
N SER A 351 -2.19 21.71 19.53
CA SER A 351 -0.81 21.95 19.17
C SER A 351 0.16 21.37 20.21
N ASP A 352 -0.21 21.44 21.47
CA ASP A 352 0.71 21.00 22.52
C ASP A 352 0.84 19.48 22.53
N LEU A 353 -0.28 18.77 22.35
CA LEU A 353 -0.23 17.30 22.34
C LEU A 353 0.68 16.81 21.21
N ILE A 354 0.49 17.37 20.03
CA ILE A 354 1.34 17.07 18.88
C ILE A 354 2.82 17.29 19.23
N LYS A 355 3.17 18.52 19.58
CA LYS A 355 4.57 18.88 19.82
C LYS A 355 5.22 17.95 20.84
N LYS A 356 4.47 17.54 21.86
CA LYS A 356 5.07 16.75 22.92
C LYS A 356 5.39 15.37 22.41
N VAL A 357 4.46 14.78 21.68
CA VAL A 357 4.55 13.38 21.30
C VAL A 357 5.55 13.13 20.18
N THR A 358 5.49 13.98 19.18
CA THR A 358 6.46 13.96 18.12
C THR A 358 7.88 14.16 18.66
N ASN A 359 8.05 15.02 19.65
CA ASN A 359 9.37 15.21 20.23
C ASN A 359 9.83 13.92 20.88
N TYR A 360 8.87 13.14 21.35
CA TYR A 360 9.17 11.86 21.95
C TYR A 360 9.54 10.84 20.88
N LEU A 361 8.82 10.87 19.76
CA LEU A 361 9.14 9.98 18.66
C LEU A 361 10.55 10.30 18.12
N VAL A 362 10.86 11.58 17.96
CA VAL A 362 12.18 11.93 17.45
C VAL A 362 13.26 11.63 18.49
N ASP A 363 12.92 11.74 19.77
CA ASP A 363 13.84 11.35 20.86
C ASP A 363 14.28 9.92 20.67
N GLY A 364 13.42 9.12 20.03
CA GLY A 364 13.73 7.74 19.73
C GLY A 364 13.99 7.43 18.25
N ASN A 365 14.37 8.45 17.49
CA ASN A 365 14.70 8.33 16.07
C ASN A 365 13.53 7.84 15.21
N GLY A 366 12.31 8.19 15.63
CA GLY A 366 11.10 7.78 14.94
C GLY A 366 10.89 8.45 13.59
N ARG A 367 9.82 8.06 12.93
CA ARG A 367 9.56 8.48 11.55
C ARG A 367 8.07 8.50 11.24
N PHE A 368 7.65 9.47 10.44
CA PHE A 368 6.38 9.39 9.76
C PHE A 368 6.65 8.80 8.36
N VAL A 369 6.15 7.61 8.09
CA VAL A 369 6.48 7.01 6.82
C VAL A 369 5.26 6.84 5.91
N PHE A 370 5.26 7.62 4.82
CA PHE A 370 4.26 7.54 3.75
C PHE A 370 4.78 6.73 2.57
N THR A 371 4.05 5.71 2.16
CA THR A 371 4.65 4.75 1.24
C THR A 371 3.65 4.08 0.34
N ASP A 372 4.14 3.54 -0.79
CA ASP A 372 3.28 2.75 -1.67
C ASP A 372 3.75 1.30 -1.86
N ILE A 373 4.85 0.95 -1.21
CA ILE A 373 5.25 -0.45 -1.10
C ILE A 373 4.52 -0.99 0.12
N THR A 374 4.40 -2.30 0.26
CA THR A 374 3.62 -2.81 1.39
C THR A 374 4.42 -2.65 2.68
N LEU A 375 3.77 -2.78 3.82
CA LEU A 375 4.41 -2.37 5.07
C LEU A 375 5.40 -3.40 5.60
N PRO A 376 5.20 -4.70 5.32
CA PRO A 376 6.31 -5.54 5.79
C PRO A 376 7.65 -5.19 5.09
N ASN A 377 7.62 -4.44 4.00
CA ASN A 377 8.85 -4.08 3.31
C ASN A 377 9.39 -2.71 3.72
N ILE A 378 8.82 -2.16 4.79
CA ILE A 378 9.35 -0.95 5.41
C ILE A 378 10.30 -1.28 6.57
N ALA A 379 11.55 -0.86 6.46
CA ALA A 379 12.55 -1.22 7.46
C ALA A 379 12.12 -0.85 8.91
N GLU A 380 11.46 0.29 9.10
CA GLU A 380 10.95 0.64 10.43
C GLU A 380 10.04 -0.45 11.02
N GLN A 381 9.48 -1.32 10.18
CA GLN A 381 8.77 -2.49 10.70
C GLN A 381 9.58 -3.80 10.70
N TYR A 382 10.24 -4.14 9.60
CA TYR A 382 10.73 -5.51 9.55
C TYR A 382 11.91 -5.77 10.47
N THR A 383 12.68 -4.74 10.81
CA THR A 383 13.84 -4.96 11.65
C THR A 383 13.43 -5.26 13.09
N HIS A 384 12.14 -5.19 13.39
CA HIS A 384 11.70 -5.47 14.74
C HIS A 384 10.77 -6.64 14.77
N GLN A 385 10.59 -7.29 13.63
CA GLN A 385 9.76 -8.47 13.63
C GLN A 385 10.35 -9.47 12.67
N ASP A 386 11.16 -10.37 13.21
CA ASP A 386 11.91 -11.31 12.39
C ASP A 386 11.00 -12.36 11.77
N GLU A 387 10.06 -12.87 12.55
CA GLU A 387 9.10 -13.84 12.04
C GLU A 387 8.16 -13.22 11.01
N ILE A 388 8.23 -13.73 9.79
CA ILE A 388 7.35 -13.25 8.75
C ILE A 388 5.85 -13.40 9.11
N TYR A 389 5.48 -14.42 9.88
CA TYR A 389 4.05 -14.63 10.14
C TYR A 389 3.47 -13.54 11.07
N GLU A 390 4.31 -12.69 11.62
CA GLU A 390 3.84 -11.63 12.49
C GLU A 390 4.07 -10.26 11.88
N GLN A 391 4.44 -10.24 10.61
CA GLN A 391 4.59 -8.98 9.91
C GLN A 391 3.27 -8.64 9.29
N VAL A 392 2.88 -7.38 9.39
CA VAL A 392 1.55 -6.94 9.03
C VAL A 392 1.55 -5.96 7.87
N HIS A 393 0.59 -6.10 6.96
CA HIS A 393 0.27 -5.07 5.96
C HIS A 393 -1.16 -4.53 6.18
N SER A 394 -1.37 -3.22 5.97
CA SER A 394 -2.67 -2.54 6.21
C SER A 394 -2.55 -1.03 5.98
N LYS A 395 -3.64 -0.27 6.12
CA LYS A 395 -3.66 1.17 5.78
C LYS A 395 -2.62 1.97 6.56
N GLY A 396 -2.39 1.57 7.81
CA GLY A 396 -1.43 2.27 8.64
C GLY A 396 -0.95 1.44 9.81
N LEU A 397 0.10 1.91 10.49
CA LEU A 397 0.69 1.12 11.56
C LEU A 397 1.45 2.01 12.57
N TYR A 398 1.50 1.58 13.83
CA TYR A 398 2.49 2.15 14.72
C TYR A 398 3.43 1.08 15.23
N VAL A 399 4.73 1.34 15.12
CA VAL A 399 5.73 0.42 15.64
C VAL A 399 6.43 1.01 16.85
N PRO A 400 6.11 0.52 18.04
CA PRO A 400 6.71 1.09 19.25
C PRO A 400 8.24 0.96 19.23
N GLU A 401 8.75 -0.19 18.80
CA GLU A 401 10.19 -0.43 18.80
C GLU A 401 10.97 0.54 17.91
N SER A 402 10.34 1.12 16.90
CA SER A 402 11.02 2.11 16.07
C SER A 402 10.35 3.47 16.12
N ARG A 403 9.36 3.58 17.02
CA ARG A 403 8.62 4.81 17.22
C ARG A 403 8.15 5.43 15.93
N SER A 404 7.59 4.63 15.02
CA SER A 404 7.20 5.22 13.73
C SER A 404 5.77 4.94 13.34
N ILE A 405 5.23 5.88 12.58
CA ILE A 405 3.93 5.73 11.96
C ILE A 405 4.12 5.36 10.50
N LEU A 406 3.53 4.26 10.09
CA LEU A 406 3.62 3.90 8.69
C LEU A 406 2.24 4.14 8.14
N LEU A 407 2.18 4.79 6.98
CA LEU A 407 0.92 4.98 6.27
C LEU A 407 1.06 4.56 4.81
N HIS A 408 0.26 3.57 4.44
CA HIS A 408 0.28 3.00 3.12
C HIS A 408 -0.81 3.62 2.25
N GLY A 409 -0.38 4.45 1.31
CA GLY A 409 -1.29 5.23 0.48
C GLY A 409 -2.35 4.50 -0.30
N PRO A 410 -1.91 3.62 -1.22
CA PRO A 410 -2.76 2.91 -2.18
C PRO A 410 -3.96 2.16 -1.60
N SER A 411 -3.90 1.62 -0.39
CA SER A 411 -5.07 0.88 0.07
C SER A 411 -6.09 1.69 0.89
N LYS A 412 -7.17 1.00 1.24
CA LYS A 412 -8.23 1.59 2.04
C LYS A 412 -8.50 0.74 3.27
N GLY A 413 -8.37 1.35 4.44
CA GLY A 413 -8.68 0.67 5.69
C GLY A 413 -10.18 0.52 5.90
N VAL A 414 -10.60 -0.57 6.53
CA VAL A 414 -12.02 -0.78 6.75
C VAL A 414 -12.52 0.21 7.78
N GLU A 415 -13.53 0.98 7.38
CA GLU A 415 -14.25 1.93 8.21
C GLU A 415 -13.48 3.26 8.29
N LEU A 416 -12.67 3.56 7.29
CA LEU A 416 -12.01 4.86 7.29
C LEU A 416 -12.51 5.68 6.13
N ARG A 417 -12.94 6.91 6.38
CA ARG A 417 -13.34 7.83 5.31
C ARG A 417 -12.16 8.17 4.37
N ASN A 418 -11.08 8.70 4.93
CA ASN A 418 -9.93 9.09 4.13
C ASN A 418 -8.64 8.66 4.79
N ASP A 419 -7.54 8.77 4.08
CA ASP A 419 -6.22 8.44 4.64
C ASP A 419 -5.90 9.33 5.86
N SER A 420 -6.40 10.58 5.84
CA SER A 420 -6.16 11.48 6.98
C SER A 420 -6.66 10.88 8.29
N GLU A 421 -7.81 10.22 8.27
CA GLU A 421 -8.34 9.67 9.51
C GLU A 421 -7.49 8.53 10.07
N GLY A 422 -6.92 7.71 9.19
CA GLY A 422 -6.17 6.54 9.59
C GLY A 422 -4.91 6.92 10.31
N PHE A 423 -4.32 8.03 9.89
CA PHE A 423 -3.15 8.58 10.55
C PHE A 423 -3.45 8.89 12.02
N ILE A 424 -4.51 9.65 12.24
CA ILE A 424 -4.90 10.05 13.58
C ILE A 424 -5.09 8.81 14.47
N HIS A 425 -5.66 7.76 13.90
CA HIS A 425 -5.69 6.48 14.59
C HIS A 425 -4.29 6.02 15.02
N GLU A 426 -3.28 6.15 14.15
CA GLU A 426 -1.93 5.70 14.50
C GLU A 426 -1.25 6.59 15.54
N PHE A 427 -1.35 7.90 15.36
CA PHE A 427 -0.88 8.85 16.37
C PHE A 427 -1.54 8.54 17.71
N GLY A 428 -2.79 8.09 17.64
CA GLY A 428 -3.49 7.56 18.79
C GLY A 428 -2.64 6.51 19.49
N HIS A 429 -2.04 5.61 18.72
CA HIS A 429 -1.15 4.57 19.28
C HIS A 429 0.13 5.17 19.91
N ALA A 430 0.65 6.24 19.34
CA ALA A 430 1.85 6.85 19.91
C ALA A 430 1.51 7.65 21.18
N VAL A 431 0.31 8.23 21.21
CA VAL A 431 -0.19 8.88 22.42
C VAL A 431 -0.26 7.88 23.58
N ASP A 432 -0.73 6.67 23.28
CA ASP A 432 -0.71 5.55 24.22
C ASP A 432 0.71 5.27 24.70
N ASP A 433 1.64 5.24 23.75
CA ASP A 433 3.04 4.97 24.04
C ASP A 433 3.59 5.98 25.05
N TYR A 434 3.56 7.29 24.72
CA TYR A 434 4.10 8.33 25.62
C TYR A 434 3.46 8.30 27.00
N ALA A 435 2.17 7.99 27.05
CA ALA A 435 1.43 8.04 28.30
C ALA A 435 1.96 7.02 29.32
N GLY A 436 2.34 5.84 28.82
CA GLY A 436 2.93 4.81 29.68
C GLY A 436 4.42 4.96 29.95
N TYR A 437 5.12 5.68 29.09
CA TYR A 437 6.52 5.99 29.35
C TYR A 437 6.54 6.93 30.53
N LEU A 438 5.56 7.82 30.56
CA LEU A 438 5.53 8.86 31.57
C LEU A 438 5.06 8.31 32.93
N LEU A 439 4.37 7.18 32.94
CA LEU A 439 4.09 6.52 34.22
C LEU A 439 5.36 5.89 34.84
N ASP A 440 6.18 5.23 34.02
CA ASP A 440 7.46 4.69 34.47
C ASP A 440 8.48 4.82 33.35
N LYS A 441 9.43 5.73 33.52
CA LYS A 441 10.49 5.88 32.52
C LYS A 441 11.38 4.65 32.51
N ASN A 442 11.32 3.89 33.61
CA ASN A 442 12.05 2.64 33.74
C ASN A 442 11.29 1.44 33.17
N GLN A 443 10.05 1.28 33.62
CA GLN A 443 9.21 0.17 33.17
C GLN A 443 8.43 0.57 31.93
N SER A 444 9.13 0.82 30.82
CA SER A 444 8.51 1.41 29.63
C SER A 444 7.40 0.52 29.07
N ASP A 445 6.18 1.04 29.07
CA ASP A 445 5.02 0.23 28.73
C ASP A 445 3.88 1.08 28.14
N LEU A 446 2.85 0.39 27.64
CA LEU A 446 1.68 1.05 27.07
C LEU A 446 0.62 1.31 28.13
N VAL A 447 0.08 2.51 28.17
CA VAL A 447 -0.95 2.81 29.16
C VAL A 447 -2.12 1.85 29.07
N THR A 448 -2.45 1.40 27.87
CA THR A 448 -3.50 0.40 27.70
C THR A 448 -3.18 -0.96 28.34
N ASN A 449 -1.98 -1.08 28.92
CA ASN A 449 -1.63 -2.28 29.67
C ASN A 449 -1.71 -2.07 31.19
N SER A 450 -2.06 -0.85 31.60
CA SER A 450 -2.34 -0.55 33.00
C SER A 450 -3.74 -1.00 33.35
N LYS A 451 -3.90 -1.61 34.51
CA LYS A 451 -5.15 -2.32 34.79
C LYS A 451 -6.35 -1.36 34.84
N LYS A 452 -6.10 -0.09 35.14
CA LYS A 452 -7.13 0.93 35.05
C LYS A 452 -7.84 0.86 33.69
N PHE A 453 -7.07 1.01 32.62
CA PHE A 453 -7.66 1.05 31.28
C PHE A 453 -8.12 -0.33 30.84
N ILE A 454 -7.45 -1.37 31.33
CA ILE A 454 -7.83 -2.73 30.97
C ILE A 454 -9.27 -3.01 31.39
N ASP A 455 -9.62 -2.60 32.61
CA ASP A 455 -10.97 -2.76 33.14
C ASP A 455 -11.96 -1.89 32.36
N ILE A 456 -11.57 -0.65 32.09
CA ILE A 456 -12.38 0.26 31.28
C ILE A 456 -12.79 -0.42 29.98
N PHE A 457 -11.87 -1.18 29.41
CA PHE A 457 -12.11 -1.84 28.13
C PHE A 457 -13.17 -2.94 28.20
N LYS A 458 -13.22 -3.71 29.30
CA LYS A 458 -14.16 -4.82 29.30
C LYS A 458 -15.61 -4.34 29.43
N GLU A 459 -15.79 -3.08 29.84
CA GLU A 459 -17.12 -2.50 29.87
C GLU A 459 -17.46 -1.86 28.52
N GLU A 460 -16.78 -0.76 28.23
CA GLU A 460 -17.11 0.09 27.08
C GLU A 460 -16.48 -0.39 25.77
N GLY A 461 -15.67 -1.44 25.87
CA GLY A 461 -14.98 -2.00 24.72
C GLY A 461 -15.83 -2.34 23.52
N SER A 462 -17.15 -2.37 23.69
CA SER A 462 -17.97 -2.75 22.55
C SER A 462 -18.93 -1.65 22.11
N ASN A 463 -18.70 -0.44 22.61
CA ASN A 463 -19.64 0.64 22.38
C ASN A 463 -19.27 1.53 21.20
N LEU A 464 -18.00 1.51 20.83
CA LEU A 464 -17.53 2.30 19.68
C LEU A 464 -17.51 1.45 18.43
N THR A 465 -16.53 1.70 17.57
CA THR A 465 -16.46 1.03 16.28
C THR A 465 -16.36 -0.46 16.44
N SER A 466 -16.78 -1.19 15.41
CA SER A 466 -16.80 -2.62 15.50
C SER A 466 -15.40 -3.14 15.66
N TYR A 467 -14.46 -2.45 15.03
CA TYR A 467 -13.04 -2.81 15.08
C TYR A 467 -12.41 -2.45 16.43
N GLY A 468 -13.03 -1.52 17.15
CA GLY A 468 -12.54 -1.13 18.47
C GLY A 468 -12.53 -2.27 19.47
N ARG A 469 -13.38 -3.27 19.23
CA ARG A 469 -13.55 -4.40 20.13
C ARG A 469 -12.37 -5.38 20.13
N THR A 470 -11.36 -5.12 19.31
CA THR A 470 -10.27 -6.08 19.11
C THR A 470 -9.42 -6.27 20.37
N ASN A 471 -8.87 -5.18 20.90
CA ASN A 471 -8.16 -5.27 22.16
C ASN A 471 -8.10 -3.90 22.79
N GLU A 472 -7.48 -3.81 23.96
CA GLU A 472 -7.32 -2.55 24.66
C GLU A 472 -6.69 -1.48 23.75
N ALA A 473 -5.51 -1.76 23.20
CA ALA A 473 -4.76 -0.74 22.45
C ALA A 473 -5.57 -0.15 21.30
N GLU A 474 -6.23 -1.02 20.53
CA GLU A 474 -6.98 -0.57 19.37
C GLU A 474 -8.19 0.21 19.79
N PHE A 475 -8.84 -0.27 20.85
CA PHE A 475 -9.99 0.45 21.42
C PHE A 475 -9.60 1.88 21.77
N PHE A 476 -8.45 2.03 22.43
CA PHE A 476 -7.89 3.34 22.74
C PHE A 476 -7.66 4.16 21.48
N ALA A 477 -7.12 3.53 20.45
CA ALA A 477 -6.76 4.23 19.21
C ALA A 477 -8.00 4.72 18.48
N GLU A 478 -8.94 3.81 18.25
CA GLU A 478 -10.17 4.19 17.59
C GLU A 478 -10.92 5.28 18.36
N ALA A 479 -10.96 5.17 19.69
CA ALA A 479 -11.61 6.18 20.53
C ALA A 479 -10.91 7.52 20.33
N PHE A 480 -9.59 7.50 20.42
CA PHE A 480 -8.80 8.67 20.09
C PHE A 480 -9.18 9.24 18.72
N ARG A 481 -9.28 8.36 17.72
CA ARG A 481 -9.58 8.80 16.37
C ARG A 481 -10.89 9.55 16.31
N LEU A 482 -11.97 8.87 16.73
CA LEU A 482 -13.33 9.44 16.71
C LEU A 482 -13.39 10.74 17.48
N MET A 483 -12.64 10.80 18.57
CA MET A 483 -12.61 11.99 19.40
C MET A 483 -11.90 13.14 18.70
N HIS A 484 -11.45 12.92 17.47
CA HIS A 484 -10.92 14.02 16.68
C HIS A 484 -11.46 14.09 15.24
N SER A 485 -12.68 13.59 15.05
CA SER A 485 -13.34 13.70 13.74
C SER A 485 -13.67 15.15 13.38
N THR A 486 -13.74 15.46 12.10
CA THR A 486 -14.18 16.79 11.71
C THR A 486 -15.69 16.84 11.85
N ASP A 487 -16.29 15.66 11.78
CA ASP A 487 -17.71 15.47 12.04
C ASP A 487 -17.91 15.41 13.55
N HIS A 488 -18.46 16.49 14.11
CA HIS A 488 -18.48 16.67 15.56
C HIS A 488 -19.58 15.88 16.24
N ALA A 489 -20.56 15.41 15.45
CA ALA A 489 -21.50 14.40 15.92
C ALA A 489 -20.72 13.22 16.48
N GLU A 490 -19.80 12.72 15.67
CA GLU A 490 -18.98 11.58 16.04
C GLU A 490 -18.17 11.82 17.31
N ARG A 491 -17.56 13.00 17.44
CA ARG A 491 -16.77 13.32 18.64
C ARG A 491 -17.61 13.12 19.91
N LEU A 492 -18.88 13.49 19.84
CA LEU A 492 -19.73 13.54 21.01
C LEU A 492 -20.36 12.18 21.27
N LYS A 493 -20.52 11.39 20.22
CA LYS A 493 -21.01 10.03 20.36
C LYS A 493 -20.05 9.18 21.22
N VAL A 494 -18.80 9.62 21.35
CA VAL A 494 -17.85 8.92 22.19
C VAL A 494 -18.13 9.24 23.66
N GLN A 495 -18.44 10.50 23.93
CA GLN A 495 -18.72 10.93 25.29
C GLN A 495 -19.95 10.22 25.82
N LYS A 496 -20.90 9.92 24.95
CA LYS A 496 -22.11 9.28 25.43
C LYS A 496 -21.87 7.81 25.66
N ASN A 497 -21.48 7.10 24.59
CA ASN A 497 -21.43 5.63 24.64
C ASN A 497 -20.27 5.03 25.42
N ALA A 498 -19.19 5.79 25.57
CA ALA A 498 -18.08 5.32 26.39
C ALA A 498 -17.43 6.45 27.21
N PRO A 499 -18.19 7.02 28.16
CA PRO A 499 -17.72 8.20 28.89
C PRO A 499 -16.51 7.94 29.76
N LYS A 500 -16.32 6.70 30.19
CA LYS A 500 -15.18 6.36 31.04
C LYS A 500 -13.93 6.31 30.16
N THR A 501 -14.08 5.74 28.98
CA THR A 501 -13.00 5.76 28.00
C THR A 501 -12.69 7.20 27.62
N PHE A 502 -13.73 7.95 27.24
CA PHE A 502 -13.56 9.38 26.95
C PHE A 502 -12.72 10.14 28.00
N GLN A 503 -13.10 10.06 29.26
CA GLN A 503 -12.40 10.82 30.28
C GLN A 503 -10.99 10.32 30.43
N PHE A 504 -10.84 9.01 30.38
CA PHE A 504 -9.52 8.42 30.55
C PHE A 504 -8.55 8.99 29.53
N ILE A 505 -9.01 9.15 28.29
CA ILE A 505 -8.16 9.65 27.24
C ILE A 505 -7.81 11.11 27.49
N ASN A 506 -8.82 11.98 27.65
CA ASN A 506 -8.55 13.40 27.87
C ASN A 506 -7.66 13.69 29.09
N ASP A 507 -7.81 12.87 30.12
CA ASP A 507 -6.87 12.83 31.24
C ASP A 507 -5.42 12.69 30.76
N GLN A 508 -5.17 11.58 30.06
CA GLN A 508 -3.86 11.26 29.53
C GLN A 508 -3.31 12.41 28.72
N ILE A 509 -4.19 13.04 27.95
CA ILE A 509 -3.81 14.23 27.19
C ILE A 509 -3.31 15.37 28.09
N LYS A 510 -4.13 15.73 29.07
CA LYS A 510 -3.79 16.77 30.03
C LYS A 510 -2.46 16.42 30.70
N PHE A 511 -2.34 15.14 31.07
CA PHE A 511 -1.11 14.57 31.63
C PHE A 511 0.12 14.87 30.74
N ILE A 512 0.01 14.61 29.43
CA ILE A 512 1.18 14.77 28.57
C ILE A 512 1.60 16.24 28.43
N ILE A 513 0.62 17.10 28.18
CA ILE A 513 0.91 18.51 27.94
C ILE A 513 1.68 19.10 29.12
N ASN A 514 1.29 18.74 30.34
CA ASN A 514 2.12 19.04 31.48
C ASN A 514 3.36 18.10 31.44
N SER A 515 4.52 18.66 31.12
CA SER A 515 5.78 17.90 31.06
C SER A 515 6.01 17.08 32.32
#